data_1YT2
#
_entry.id   1YT2
#
_cell.length_a   90.321
_cell.length_b   100.257
_cell.length_c   64.013
_cell.angle_alpha   90.00
_cell.angle_beta   90.00
_cell.angle_gamma   90.00
#
_symmetry.space_group_name_H-M   'C 2 2 21'
#
loop_
_entity.id
_entity.type
_entity.pdbx_description
1 polymer Endoplasmin
2 non-polymer 'TETRAETHYLENE GLYCOL'
3 water water
#
_entity_poly.entity_id   1
_entity_poly.type   'polypeptide(L)'
_entity_poly.pdbx_seq_one_letter_code
;GSHMLREKSEKFAFQAEVNRMMKLIINSLYKNKEIFLRELISNASDALDKIRLISLTDENALAGNEELTVKIKCDKEKNL
LHVTDTGVGMTREELVKNLGTIAKSGTSEFLNKMTEAQEDGQSTSELIGQFGVGFYSAFLVADKVIVTSKHNNDTQHIWE
SDSNEFSVIADPRGNTLGRGTTITLVLKEEASDYLELDTIKNLVKKYSQFINFPIYVWSSKTETVEEPMEEEEAAKEEKE
DSDDEAAVEEEEEEKKPKTKKVEKTVWDWELMN
;
_entity_poly.pdbx_strand_id   A
#
loop_
_chem_comp.id
_chem_comp.type
_chem_comp.name
_chem_comp.formula
PG4 non-polymer 'TETRAETHYLENE GLYCOL' 'C8 H18 O5'
#
# COMPACT_ATOMS: atom_id res chain seq x y z
N SER A 9 21.98 3.58 -4.09
CA SER A 9 21.12 4.41 -3.18
C SER A 9 21.10 5.86 -3.65
N GLU A 10 19.90 6.41 -3.81
CA GLU A 10 19.74 7.80 -4.25
C GLU A 10 18.58 8.44 -3.49
N LYS A 11 18.84 9.58 -2.83
CA LYS A 11 17.80 10.26 -2.07
C LYS A 11 17.08 11.30 -2.91
N PHE A 12 15.84 11.64 -2.54
CA PHE A 12 15.07 12.64 -3.28
C PHE A 12 14.23 13.36 -2.27
N ALA A 13 13.53 14.42 -2.69
CA ALA A 13 12.63 15.16 -1.82
C ALA A 13 11.26 15.10 -2.47
N PHE A 14 10.17 15.11 -1.71
CA PHE A 14 8.85 15.04 -2.34
C PHE A 14 8.52 16.31 -3.09
N GLN A 15 7.70 16.22 -4.12
CA GLN A 15 7.31 17.42 -4.86
C GLN A 15 6.61 18.28 -3.82
N ALA A 16 6.51 19.58 -4.04
CA ALA A 16 5.83 20.40 -3.04
C ALA A 16 4.40 19.90 -2.84
N GLU A 17 3.64 19.87 -3.95
CA GLU A 17 2.24 19.45 -3.95
C GLU A 17 2.00 18.14 -3.23
N VAL A 18 2.93 17.22 -3.34
CA VAL A 18 2.80 15.96 -2.65
C VAL A 18 3.01 16.16 -1.14
N ASN A 19 3.69 17.23 -0.73
CA ASN A 19 3.87 17.47 0.69
C ASN A 19 2.58 18.05 1.23
N ARG A 20 1.95 18.90 0.42
CA ARG A 20 0.67 19.50 0.79
C ARG A 20 -0.39 18.41 0.88
N MET A 21 -0.57 17.64 -0.19
CA MET A 21 -1.55 16.55 -0.22
C MET A 21 -1.30 15.52 0.87
N MET A 22 -0.05 15.32 1.26
CA MET A 22 0.19 14.36 2.31
C MET A 22 -0.52 14.88 3.57
N LYS A 23 -0.37 16.18 3.83
CA LYS A 23 -0.97 16.80 5.01
C LYS A 23 -2.50 16.83 4.99
N LEU A 24 -3.10 17.29 3.89
CA LEU A 24 -4.55 17.32 3.80
C LEU A 24 -5.05 15.96 4.25
N ILE A 25 -4.59 14.93 3.53
CA ILE A 25 -4.95 13.54 3.78
C ILE A 25 -4.71 13.10 5.21
N ILE A 26 -3.55 13.42 5.76
CA ILE A 26 -3.32 13.04 7.13
C ILE A 26 -4.29 13.80 8.01
N ASN A 27 -4.73 14.97 7.54
CA ASN A 27 -5.66 15.79 8.30
C ASN A 27 -7.09 15.30 8.16
N SER A 28 -7.52 15.04 6.94
CA SER A 28 -8.87 14.57 6.69
C SER A 28 -9.20 13.34 7.54
N LEU A 29 -8.29 12.38 7.57
CA LEU A 29 -8.56 11.15 8.28
C LEU A 29 -8.01 11.08 9.68
N TYR A 30 -7.70 12.21 10.28
CA TYR A 30 -7.08 12.17 11.59
C TYR A 30 -7.79 11.40 12.68
N LYS A 31 -9.10 11.19 12.55
CA LYS A 31 -9.83 10.44 13.57
C LYS A 31 -10.33 9.06 13.10
N ASN A 32 -9.96 8.67 11.89
CA ASN A 32 -10.35 7.38 11.34
C ASN A 32 -9.12 6.75 10.73
N LYS A 33 -8.05 6.69 11.51
CA LYS A 33 -6.81 6.13 11.04
C LYS A 33 -7.00 4.78 10.36
N GLU A 34 -7.83 3.94 10.93
CA GLU A 34 -8.01 2.61 10.35
C GLU A 34 -8.19 2.61 8.85
N ILE A 35 -8.62 3.73 8.30
CA ILE A 35 -8.83 3.78 6.88
C ILE A 35 -7.55 3.56 6.08
N PHE A 36 -6.38 3.67 6.73
CA PHE A 36 -5.12 3.48 6.00
C PHE A 36 -5.04 2.08 5.42
N LEU A 37 -5.71 1.14 6.07
CA LEU A 37 -5.70 -0.25 5.62
C LEU A 37 -6.70 -0.45 4.49
N ARG A 38 -7.78 0.31 4.53
CA ARG A 38 -8.78 0.21 3.49
C ARG A 38 -8.05 0.52 2.20
N GLU A 39 -7.41 1.67 2.16
CA GLU A 39 -6.67 2.10 0.99
C GLU A 39 -5.57 1.14 0.53
N LEU A 40 -4.72 0.72 1.46
CA LEU A 40 -3.63 -0.18 1.10
C LEU A 40 -4.18 -1.40 0.40
N ILE A 41 -5.39 -1.78 0.74
CA ILE A 41 -5.99 -2.93 0.09
C ILE A 41 -6.46 -2.55 -1.30
N SER A 42 -7.16 -1.42 -1.39
CA SER A 42 -7.63 -0.94 -2.68
C SER A 42 -6.46 -0.89 -3.62
N ASN A 43 -5.46 -0.11 -3.28
CA ASN A 43 -4.30 -0.06 -4.15
C ASN A 43 -3.90 -1.45 -4.66
N ALA A 44 -3.75 -2.40 -3.74
CA ALA A 44 -3.34 -3.76 -4.10
C ALA A 44 -4.29 -4.28 -5.13
N SER A 45 -5.56 -4.12 -4.82
CA SER A 45 -6.62 -4.54 -5.71
C SER A 45 -6.29 -4.00 -7.10
N ASP A 46 -6.29 -2.68 -7.24
CA ASP A 46 -5.99 -2.03 -8.50
C ASP A 46 -4.78 -2.65 -9.19
N ALA A 47 -3.74 -2.91 -8.42
CA ALA A 47 -2.51 -3.47 -8.95
C ALA A 47 -2.71 -4.85 -9.55
N LEU A 48 -3.57 -5.64 -8.91
CA LEU A 48 -3.82 -6.98 -9.42
C LEU A 48 -4.66 -6.91 -10.69
N ASP A 49 -5.56 -5.93 -10.78
CA ASP A 49 -6.39 -5.78 -11.98
C ASP A 49 -5.47 -5.45 -13.13
N LYS A 50 -4.59 -4.49 -12.86
CA LYS A 50 -3.64 -4.03 -13.87
C LYS A 50 -2.98 -5.19 -14.57
N ILE A 51 -2.45 -6.13 -13.79
CA ILE A 51 -1.77 -7.28 -14.38
C ILE A 51 -2.71 -8.24 -15.04
N ARG A 52 -3.85 -8.49 -14.41
CA ARG A 52 -4.81 -9.41 -15.00
C ARG A 52 -5.14 -8.93 -16.40
N LEU A 53 -5.53 -7.66 -16.51
CA LEU A 53 -5.86 -7.07 -17.80
C LEU A 53 -4.69 -7.28 -18.73
N ILE A 54 -3.50 -7.02 -18.23
CA ILE A 54 -2.30 -7.21 -19.04
C ILE A 54 -2.12 -8.67 -19.48
N SER A 55 -2.57 -9.62 -18.66
CA SER A 55 -2.44 -11.05 -19.00
C SER A 55 -3.29 -11.39 -20.21
N LEU A 56 -4.21 -10.48 -20.54
CA LEU A 56 -5.09 -10.67 -21.68
C LEU A 56 -4.32 -10.47 -22.98
N THR A 57 -3.42 -9.49 -22.97
CA THR A 57 -2.63 -9.15 -24.14
C THR A 57 -1.23 -9.75 -24.20
N ASP A 58 -0.80 -10.40 -23.12
CA ASP A 58 0.54 -10.97 -23.06
C ASP A 58 0.50 -12.36 -22.43
N GLU A 59 1.13 -13.32 -23.10
CA GLU A 59 1.14 -14.70 -22.62
C GLU A 59 2.09 -14.94 -21.45
N ASN A 60 3.08 -14.05 -21.29
CA ASN A 60 4.07 -14.20 -20.21
C ASN A 60 3.88 -13.28 -19.01
N ALA A 61 2.78 -12.53 -18.97
CA ALA A 61 2.50 -11.59 -17.90
C ALA A 61 2.65 -12.15 -16.50
N LEU A 62 2.14 -13.36 -16.29
CA LEU A 62 2.20 -13.98 -14.98
C LEU A 62 3.38 -14.93 -14.80
N ALA A 63 4.27 -14.98 -15.79
CA ALA A 63 5.44 -15.85 -15.76
C ALA A 63 6.26 -15.66 -14.50
N GLY A 64 6.31 -14.41 -14.01
CA GLY A 64 7.09 -14.11 -12.82
C GLY A 64 6.57 -14.69 -11.52
N ASN A 65 5.24 -14.76 -11.42
CA ASN A 65 4.58 -15.26 -10.24
C ASN A 65 3.15 -15.57 -10.67
N GLU A 66 2.87 -16.84 -10.91
CA GLU A 66 1.55 -17.25 -11.36
C GLU A 66 0.37 -17.01 -10.40
N GLU A 67 0.61 -16.34 -9.28
CA GLU A 67 -0.48 -16.07 -8.32
C GLU A 67 -1.05 -14.65 -8.40
N LEU A 68 -2.29 -14.49 -7.95
CA LEU A 68 -2.95 -13.18 -7.93
C LEU A 68 -3.63 -13.06 -6.56
N THR A 69 -2.83 -12.75 -5.53
CA THR A 69 -3.31 -12.67 -4.17
C THR A 69 -2.82 -11.44 -3.41
N VAL A 70 -3.44 -11.18 -2.27
CA VAL A 70 -3.07 -10.08 -1.39
C VAL A 70 -2.83 -10.74 -0.05
N LYS A 71 -1.64 -10.60 0.51
CA LYS A 71 -1.35 -11.26 1.78
C LYS A 71 -0.80 -10.36 2.90
N ILE A 72 -1.64 -10.07 3.89
CA ILE A 72 -1.26 -9.26 5.03
C ILE A 72 -0.50 -10.13 6.02
N LYS A 73 0.30 -9.50 6.90
CA LYS A 73 1.09 -10.20 7.89
C LYS A 73 1.61 -9.26 8.96
N CYS A 74 1.34 -9.60 10.24
CA CYS A 74 1.78 -8.81 11.39
C CYS A 74 3.04 -9.42 11.97
N ASP A 75 3.94 -8.55 12.43
CA ASP A 75 5.19 -8.95 13.03
C ASP A 75 5.42 -8.18 14.33
N LYS A 76 4.65 -8.53 15.37
CA LYS A 76 4.72 -7.85 16.67
C LYS A 76 6.13 -7.65 17.21
N GLU A 77 6.96 -8.66 17.09
CA GLU A 77 8.33 -8.59 17.60
C GLU A 77 9.10 -7.46 16.98
N LYS A 78 9.07 -7.37 15.65
CA LYS A 78 9.81 -6.32 14.97
C LYS A 78 8.96 -5.07 14.73
N ASN A 79 7.75 -5.07 15.27
CA ASN A 79 6.85 -3.94 15.11
C ASN A 79 6.60 -3.58 13.66
N LEU A 80 6.37 -4.59 12.83
CA LEU A 80 6.15 -4.32 11.42
C LEU A 80 4.80 -4.87 10.97
N LEU A 81 4.27 -4.26 9.91
CA LEU A 81 3.01 -4.64 9.29
C LEU A 81 3.29 -4.66 7.78
N HIS A 82 3.03 -5.80 7.13
CA HIS A 82 3.25 -6.00 5.69
C HIS A 82 1.98 -6.25 4.84
N VAL A 83 1.90 -5.67 3.65
CA VAL A 83 0.74 -5.86 2.78
C VAL A 83 1.18 -6.10 1.33
N THR A 84 1.43 -7.36 1.00
CA THR A 84 1.91 -7.77 -0.32
C THR A 84 0.90 -8.25 -1.33
N ASP A 85 1.04 -7.77 -2.55
CA ASP A 85 0.14 -8.14 -3.63
C ASP A 85 0.96 -8.64 -4.80
N THR A 86 0.45 -9.58 -5.58
CA THR A 86 1.22 -10.01 -6.75
C THR A 86 0.68 -9.23 -7.92
N GLY A 87 0.43 -7.95 -7.69
CA GLY A 87 -0.08 -7.09 -8.71
C GLY A 87 0.94 -6.87 -9.79
N VAL A 88 0.71 -5.81 -10.56
CA VAL A 88 1.60 -5.48 -11.65
C VAL A 88 3.02 -5.12 -11.19
N GLY A 89 3.13 -4.53 -10.00
CA GLY A 89 4.43 -4.13 -9.48
C GLY A 89 4.91 -2.81 -10.08
N MET A 90 5.97 -2.24 -9.52
CA MET A 90 6.52 -0.99 -10.03
C MET A 90 7.99 -1.03 -10.37
N THR A 91 8.37 -0.36 -11.46
CA THR A 91 9.76 -0.31 -11.88
C THR A 91 10.40 0.77 -11.01
N ARG A 92 11.72 0.95 -11.12
CA ARG A 92 12.41 1.96 -10.32
C ARG A 92 11.91 3.36 -10.64
N GLU A 93 11.82 3.67 -11.93
CA GLU A 93 11.34 5.00 -12.30
C GLU A 93 9.95 5.28 -11.73
N GLU A 94 9.05 4.30 -11.74
CA GLU A 94 7.70 4.55 -11.24
C GLU A 94 7.63 4.71 -9.72
N LEU A 95 8.57 4.09 -9.02
CA LEU A 95 8.60 4.22 -7.58
C LEU A 95 8.91 5.70 -7.30
N VAL A 96 9.82 6.26 -8.09
CA VAL A 96 10.22 7.65 -7.88
C VAL A 96 9.24 8.72 -8.37
N LYS A 97 8.56 8.45 -9.49
CA LYS A 97 7.60 9.39 -10.06
C LYS A 97 6.17 9.22 -9.53
N ASN A 98 5.73 7.97 -9.40
CA ASN A 98 4.37 7.69 -8.90
C ASN A 98 4.17 8.00 -7.43
N LEU A 99 5.22 7.81 -6.63
CA LEU A 99 5.17 8.08 -5.19
C LEU A 99 5.73 9.44 -4.82
N GLY A 100 6.69 9.92 -5.59
CA GLY A 100 7.29 11.20 -5.26
C GLY A 100 6.77 12.42 -5.98
N THR A 101 5.89 12.26 -6.97
CA THR A 101 5.39 13.42 -7.70
C THR A 101 3.92 13.28 -8.00
N ILE A 102 3.37 14.26 -8.71
CA ILE A 102 1.97 14.26 -9.13
C ILE A 102 2.02 13.80 -10.59
N ALA A 103 2.15 12.49 -10.80
CA ALA A 103 2.25 11.89 -12.12
C ALA A 103 0.95 11.88 -12.95
N LYS A 104 -0.17 11.53 -12.33
CA LYS A 104 -1.47 11.47 -13.02
C LYS A 104 -2.14 12.83 -13.19
N SER A 105 -3.22 12.83 -13.97
CA SER A 105 -4.04 14.01 -14.27
C SER A 105 -5.15 14.13 -13.23
N GLY A 106 -5.62 12.98 -12.74
CA GLY A 106 -6.68 12.96 -11.74
C GLY A 106 -6.21 13.34 -10.34
N THR A 107 -4.89 13.34 -10.12
CA THR A 107 -4.33 13.72 -8.82
C THR A 107 -4.49 15.22 -8.59
N SER A 108 -4.22 16.02 -9.62
CA SER A 108 -4.34 17.49 -9.54
C SER A 108 -5.81 17.84 -9.26
N GLU A 109 -6.70 17.11 -9.90
CA GLU A 109 -8.14 17.29 -9.76
C GLU A 109 -8.50 17.14 -8.27
N PHE A 110 -8.05 16.02 -7.67
CA PHE A 110 -8.28 15.71 -6.26
C PHE A 110 -7.75 16.84 -5.34
N LEU A 111 -6.64 17.47 -5.71
CA LEU A 111 -6.09 18.56 -4.90
C LEU A 111 -7.06 19.73 -4.85
N ASN A 112 -7.74 19.94 -5.96
CA ASN A 112 -8.70 21.01 -6.04
C ASN A 112 -9.98 20.60 -5.38
N LYS A 113 -10.56 19.49 -5.80
CA LYS A 113 -11.81 19.02 -5.23
C LYS A 113 -11.70 18.87 -3.71
N MET A 114 -10.54 18.43 -3.24
CA MET A 114 -10.31 18.21 -1.82
C MET A 114 -10.35 19.49 -1.01
N THR A 115 -9.77 20.56 -1.56
CA THR A 115 -9.74 21.83 -0.86
C THR A 115 -11.11 22.51 -0.93
N GLU A 116 -11.85 22.30 -2.02
CA GLU A 116 -13.18 22.89 -2.18
C GLU A 116 -14.19 22.20 -1.27
N ALA A 117 -14.09 20.88 -1.14
CA ALA A 117 -15.00 20.12 -0.29
C ALA A 117 -14.65 20.27 1.19
N GLN A 118 -13.36 20.33 1.48
CA GLN A 118 -12.86 20.45 2.86
C GLN A 118 -13.21 21.82 3.45
N GLU A 119 -13.38 22.81 2.58
CA GLU A 119 -13.73 24.15 3.03
C GLU A 119 -15.23 24.23 3.37
N ASP A 120 -16.09 23.70 2.49
CA ASP A 120 -17.55 23.72 2.69
C ASP A 120 -18.08 22.61 3.62
N GLY A 121 -17.14 21.91 4.26
CA GLY A 121 -17.49 20.84 5.20
C GLY A 121 -17.96 19.50 4.67
N GLN A 122 -18.07 19.38 3.35
CA GLN A 122 -18.53 18.14 2.72
C GLN A 122 -17.55 16.97 2.93
N SER A 123 -18.08 15.75 2.90
CA SER A 123 -17.27 14.54 3.11
C SER A 123 -16.17 14.39 2.04
N THR A 124 -14.97 14.06 2.53
CA THR A 124 -13.73 13.90 1.75
C THR A 124 -13.25 12.44 1.69
N SER A 125 -13.56 11.67 2.74
CA SER A 125 -13.17 10.27 2.81
C SER A 125 -13.25 9.65 1.43
N GLU A 126 -14.40 9.85 0.80
CA GLU A 126 -14.67 9.32 -0.52
C GLU A 126 -13.74 9.88 -1.60
N LEU A 127 -13.24 11.09 -1.40
CA LEU A 127 -12.37 11.72 -2.38
C LEU A 127 -11.04 10.98 -2.48
N ILE A 128 -10.41 10.77 -1.34
CA ILE A 128 -9.15 10.05 -1.28
C ILE A 128 -9.27 8.75 -2.07
N GLY A 129 -10.30 7.96 -1.75
CA GLY A 129 -10.50 6.68 -2.41
C GLY A 129 -10.83 6.82 -3.88
N GLN A 130 -11.54 7.90 -4.20
CA GLN A 130 -11.99 8.22 -5.55
C GLN A 130 -10.82 8.43 -6.49
N PHE A 131 -9.77 9.06 -5.99
CA PHE A 131 -8.59 9.36 -6.78
C PHE A 131 -7.39 8.49 -6.43
N GLY A 132 -7.65 7.46 -5.63
CA GLY A 132 -6.63 6.51 -5.23
C GLY A 132 -5.33 7.07 -4.72
N VAL A 133 -5.40 8.12 -3.90
CA VAL A 133 -4.18 8.71 -3.39
C VAL A 133 -4.01 8.27 -1.95
N GLY A 134 -4.77 7.24 -1.56
CA GLY A 134 -4.74 6.76 -0.20
C GLY A 134 -3.45 6.25 0.41
N PHE A 135 -2.46 6.01 -0.44
CA PHE A 135 -1.18 5.50 0.01
C PHE A 135 -0.60 6.33 1.15
N TYR A 136 -0.67 7.65 1.02
CA TYR A 136 -0.12 8.56 2.02
C TYR A 136 -0.73 8.52 3.43
N SER A 137 -1.90 7.88 3.55
CA SER A 137 -2.58 7.76 4.84
C SER A 137 -1.88 6.74 5.71
N ALA A 138 -0.84 6.13 5.17
CA ALA A 138 -0.10 5.13 5.90
C ALA A 138 0.81 5.79 6.94
N PHE A 139 0.98 7.11 6.80
CA PHE A 139 1.83 7.90 7.70
C PHE A 139 1.05 8.32 8.91
N LEU A 140 -0.20 7.86 8.99
CA LEU A 140 -1.06 8.17 10.10
C LEU A 140 -0.66 7.20 11.19
N VAL A 141 -0.31 5.99 10.79
CA VAL A 141 0.06 4.96 11.76
C VAL A 141 1.50 4.47 11.68
N ALA A 142 2.24 4.92 10.68
CA ALA A 142 3.62 4.46 10.51
C ALA A 142 4.66 5.56 10.53
N ASP A 143 5.76 5.29 11.22
CA ASP A 143 6.82 6.28 11.30
C ASP A 143 7.67 6.20 10.03
N LYS A 144 7.73 5.00 9.48
CA LYS A 144 8.53 4.71 8.29
C LYS A 144 7.71 3.83 7.36
N VAL A 145 7.67 4.16 6.07
CA VAL A 145 6.92 3.35 5.12
C VAL A 145 7.88 2.83 4.07
N ILE A 146 7.87 1.53 3.82
CA ILE A 146 8.79 0.94 2.85
C ILE A 146 8.05 0.10 1.80
N VAL A 147 8.31 0.38 0.54
CA VAL A 147 7.67 -0.29 -0.58
C VAL A 147 8.64 -1.08 -1.42
N THR A 148 8.62 -2.41 -1.30
CA THR A 148 9.49 -3.27 -2.10
C THR A 148 8.61 -3.66 -3.29
N SER A 149 9.11 -3.47 -4.52
CA SER A 149 8.33 -3.76 -5.71
C SER A 149 9.12 -4.37 -6.88
N LYS A 150 8.57 -5.44 -7.44
CA LYS A 150 9.15 -6.13 -8.58
C LYS A 150 8.15 -6.11 -9.73
N HIS A 151 8.57 -5.47 -10.82
CA HIS A 151 7.77 -5.33 -12.03
C HIS A 151 8.46 -6.04 -13.18
N ASN A 152 7.69 -6.57 -14.13
CA ASN A 152 8.25 -7.31 -15.25
C ASN A 152 9.25 -6.63 -16.17
N ASN A 153 9.34 -5.31 -16.13
CA ASN A 153 10.29 -4.63 -17.00
C ASN A 153 11.43 -4.00 -16.22
N ASP A 154 11.68 -4.50 -15.01
CA ASP A 154 12.76 -4.01 -14.19
C ASP A 154 13.11 -5.03 -13.12
N THR A 155 14.08 -4.68 -12.29
CA THR A 155 14.54 -5.52 -11.19
C THR A 155 13.86 -5.09 -9.90
N GLN A 156 14.09 -5.80 -8.80
CA GLN A 156 13.45 -5.43 -7.54
C GLN A 156 14.14 -4.24 -6.89
N HIS A 157 13.35 -3.34 -6.33
CA HIS A 157 13.87 -2.15 -5.70
C HIS A 157 13.23 -1.86 -4.38
N ILE A 158 13.80 -0.94 -3.64
CA ILE A 158 13.24 -0.57 -2.38
C ILE A 158 13.07 0.92 -2.33
N TRP A 159 11.96 1.36 -1.75
CA TRP A 159 11.65 2.77 -1.63
C TRP A 159 11.44 2.84 -0.15
N GLU A 160 11.78 3.98 0.46
CA GLU A 160 11.59 4.14 1.88
C GLU A 160 11.61 5.61 2.23
N SER A 161 10.74 6.01 3.17
CA SER A 161 10.61 7.41 3.56
C SER A 161 9.92 7.60 4.89
N ASP A 162 10.21 8.69 5.57
CA ASP A 162 9.58 9.03 6.86
C ASP A 162 8.75 10.29 6.61
N SER A 163 8.44 10.48 5.34
CA SER A 163 7.65 11.59 4.81
C SER A 163 8.40 12.89 4.70
N ASN A 164 9.59 12.97 5.31
CA ASN A 164 10.34 14.21 5.19
C ASN A 164 11.19 14.16 3.94
N GLU A 165 11.34 12.95 3.38
CA GLU A 165 12.13 12.69 2.16
C GLU A 165 11.88 11.24 1.77
N PHE A 166 12.63 10.74 0.79
CA PHE A 166 12.49 9.32 0.42
C PHE A 166 13.71 8.91 -0.37
N SER A 167 13.96 7.62 -0.52
CA SER A 167 15.12 7.16 -1.27
C SER A 167 14.84 5.84 -1.97
N VAL A 168 15.51 5.56 -3.08
CA VAL A 168 15.28 4.31 -3.80
C VAL A 168 16.58 3.56 -4.04
N ILE A 169 16.62 2.27 -3.71
CA ILE A 169 17.83 1.48 -3.91
C ILE A 169 17.45 0.15 -4.50
N ALA A 170 18.28 -0.41 -5.36
CA ALA A 170 17.95 -1.71 -5.92
C ALA A 170 18.01 -2.63 -4.72
N ASP A 171 17.11 -3.62 -4.69
CA ASP A 171 17.04 -4.58 -3.58
C ASP A 171 18.21 -5.55 -3.66
N PRO A 172 19.07 -5.54 -2.64
CA PRO A 172 20.23 -6.43 -2.62
C PRO A 172 19.87 -7.89 -2.40
N ARG A 173 18.62 -8.15 -2.08
CA ARG A 173 18.17 -9.52 -1.87
C ARG A 173 17.86 -10.20 -3.20
N GLY A 174 17.78 -9.40 -4.26
CA GLY A 174 17.47 -9.91 -5.59
C GLY A 174 15.97 -10.07 -5.77
N ASN A 175 15.55 -10.52 -6.94
CA ASN A 175 14.13 -10.72 -7.20
C ASN A 175 13.56 -11.79 -6.25
N THR A 176 12.95 -11.34 -5.15
CA THR A 176 12.38 -12.28 -4.17
C THR A 176 10.86 -12.27 -4.21
N LEU A 177 10.30 -11.31 -4.93
CA LEU A 177 8.86 -11.20 -5.01
C LEU A 177 8.27 -11.90 -6.23
N GLY A 178 9.06 -11.98 -7.30
CA GLY A 178 8.57 -12.59 -8.53
C GLY A 178 7.93 -11.45 -9.28
N ARG A 179 6.78 -11.01 -8.76
CA ARG A 179 6.01 -9.89 -9.31
C ARG A 179 5.07 -9.40 -8.22
N GLY A 180 5.06 -8.11 -7.96
CA GLY A 180 4.17 -7.65 -6.91
C GLY A 180 4.79 -6.52 -6.14
N THR A 181 4.26 -6.28 -4.95
CA THR A 181 4.78 -5.19 -4.15
C THR A 181 4.47 -5.44 -2.67
N THR A 182 5.40 -5.04 -1.81
CA THR A 182 5.20 -5.21 -0.37
C THR A 182 5.27 -3.84 0.27
N ILE A 183 4.23 -3.47 0.99
CA ILE A 183 4.19 -2.18 1.65
C ILE A 183 4.47 -2.50 3.09
N THR A 184 5.67 -2.18 3.57
CA THR A 184 6.04 -2.46 4.96
C THR A 184 5.90 -1.23 5.86
N LEU A 185 5.07 -1.34 6.89
CA LEU A 185 4.89 -0.23 7.81
C LEU A 185 5.58 -0.39 9.16
N VAL A 186 6.39 0.59 9.52
CA VAL A 186 7.07 0.59 10.82
C VAL A 186 6.10 1.39 11.71
N LEU A 187 5.22 0.67 12.42
CA LEU A 187 4.17 1.28 13.26
C LEU A 187 4.58 2.20 14.40
N LYS A 188 3.82 3.29 14.54
CA LYS A 188 4.08 4.26 15.58
C LYS A 188 3.80 3.56 16.88
N GLU A 189 4.21 4.19 17.98
CA GLU A 189 4.00 3.60 19.29
C GLU A 189 2.52 3.45 19.60
N GLU A 190 1.76 4.45 19.20
CA GLU A 190 0.32 4.46 19.43
C GLU A 190 -0.47 3.58 18.45
N ALA A 191 0.23 2.78 17.64
CA ALA A 191 -0.45 1.93 16.68
C ALA A 191 -0.08 0.47 16.84
N SER A 192 0.51 0.15 18.00
CA SER A 192 0.92 -1.21 18.27
C SER A 192 -0.29 -2.15 18.31
N ASP A 193 -1.48 -1.61 18.30
CA ASP A 193 -2.71 -2.40 18.33
C ASP A 193 -2.95 -3.02 16.94
N TYR A 194 -2.46 -2.38 15.89
CA TYR A 194 -2.63 -2.94 14.56
C TYR A 194 -1.75 -4.17 14.33
N LEU A 195 -1.05 -4.60 15.36
CA LEU A 195 -0.17 -5.77 15.27
C LEU A 195 -0.92 -7.00 15.79
N GLU A 196 -1.99 -6.77 16.55
CA GLU A 196 -2.79 -7.85 17.10
C GLU A 196 -3.59 -8.52 15.97
N LEU A 197 -3.42 -9.84 15.83
CA LEU A 197 -4.11 -10.59 14.78
C LEU A 197 -5.61 -10.32 14.72
N ASP A 198 -6.30 -10.44 15.83
CA ASP A 198 -7.75 -10.22 15.87
C ASP A 198 -8.16 -8.82 15.41
N THR A 199 -7.30 -7.83 15.65
CA THR A 199 -7.64 -6.49 15.24
C THR A 199 -7.51 -6.40 13.73
N ILE A 200 -6.43 -6.97 13.21
CA ILE A 200 -6.17 -6.97 11.77
C ILE A 200 -7.20 -7.74 10.96
N LYS A 201 -7.60 -8.93 11.46
CA LYS A 201 -8.56 -9.75 10.74
C LYS A 201 -9.93 -9.10 10.57
N ASN A 202 -10.37 -8.35 11.56
CA ASN A 202 -11.67 -7.70 11.43
C ASN A 202 -11.59 -6.53 10.44
N LEU A 203 -10.46 -5.79 10.44
CA LEU A 203 -10.29 -4.66 9.54
C LEU A 203 -10.10 -5.12 8.10
N VAL A 204 -9.35 -6.21 7.93
CA VAL A 204 -9.12 -6.77 6.59
C VAL A 204 -10.43 -7.28 6.03
N LYS A 205 -11.19 -7.96 6.87
CA LYS A 205 -12.48 -8.52 6.51
C LYS A 205 -13.43 -7.38 6.15
N LYS A 206 -13.42 -6.34 6.96
CA LYS A 206 -14.28 -5.19 6.74
C LYS A 206 -14.00 -4.38 5.46
N TYR A 207 -12.79 -4.45 4.91
CA TYR A 207 -12.48 -3.67 3.71
C TYR A 207 -12.20 -4.48 2.43
N SER A 208 -12.46 -5.78 2.46
CA SER A 208 -12.17 -6.60 1.30
C SER A 208 -13.32 -7.42 0.74
N GLN A 209 -14.53 -7.09 1.17
CA GLN A 209 -15.68 -7.82 0.68
C GLN A 209 -15.97 -7.45 -0.78
N PHE A 210 -15.27 -6.45 -1.31
CA PHE A 210 -15.49 -6.02 -2.69
C PHE A 210 -14.27 -6.26 -3.59
N ILE A 211 -13.27 -6.99 -3.08
CA ILE A 211 -12.06 -7.27 -3.86
C ILE A 211 -12.25 -8.52 -4.69
N ASN A 212 -11.86 -8.45 -5.96
CA ASN A 212 -12.00 -9.60 -6.86
C ASN A 212 -10.85 -10.60 -6.75
N PHE A 213 -10.09 -10.52 -5.66
CA PHE A 213 -8.97 -11.41 -5.40
C PHE A 213 -9.02 -11.90 -3.94
N PRO A 214 -8.47 -13.08 -3.66
CA PRO A 214 -8.45 -13.66 -2.32
C PRO A 214 -7.45 -12.92 -1.43
N ILE A 215 -7.88 -12.58 -0.21
CA ILE A 215 -7.04 -11.86 0.76
C ILE A 215 -6.76 -12.67 2.03
N TYR A 216 -5.49 -13.04 2.22
CA TYR A 216 -5.02 -13.83 3.34
C TYR A 216 -4.34 -13.00 4.42
N VAL A 217 -4.30 -13.54 5.64
CA VAL A 217 -3.70 -12.89 6.80
C VAL A 217 -2.98 -13.97 7.58
N TRP A 218 -1.65 -13.95 7.59
CA TRP A 218 -0.88 -14.96 8.32
C TRP A 218 -1.45 -15.10 9.74
N SER A 219 -2.09 -16.23 10.03
CA SER A 219 -2.69 -16.47 11.36
C SER A 219 -2.23 -17.70 12.14
N SER A 220 -2.54 -17.69 13.44
CA SER A 220 -2.20 -18.76 14.39
C SER A 220 -3.42 -19.38 15.04
N LYS A 221 -3.37 -20.70 15.16
CA LYS A 221 -4.45 -21.48 15.76
C LYS A 221 -4.21 -21.67 17.26
N THR A 222 -3.23 -22.50 17.62
CA THR A 222 -2.90 -22.79 19.03
C THR A 222 -4.00 -23.53 19.81
N GLU A 263 1.17 -26.34 24.77
CA GLU A 263 0.75 -25.43 23.72
C GLU A 263 1.29 -25.75 22.33
N LYS A 264 0.38 -26.11 21.41
CA LYS A 264 0.72 -26.42 20.02
C LYS A 264 0.16 -25.29 19.12
N THR A 265 1.03 -24.69 18.31
CA THR A 265 0.61 -23.60 17.45
C THR A 265 0.89 -23.83 15.97
N VAL A 266 -0.14 -23.58 15.15
CA VAL A 266 -0.02 -23.75 13.71
C VAL A 266 -0.31 -22.41 13.03
N TRP A 267 0.62 -21.99 12.19
CA TRP A 267 0.48 -20.76 11.45
C TRP A 267 0.23 -21.05 9.98
N ASP A 268 -0.71 -20.31 9.40
CA ASP A 268 -1.05 -20.45 7.98
C ASP A 268 -1.98 -19.34 7.48
N TRP A 269 -1.88 -19.05 6.18
CA TRP A 269 -2.70 -18.03 5.56
C TRP A 269 -4.17 -18.34 5.73
N GLU A 270 -4.95 -17.37 6.15
CA GLU A 270 -6.36 -17.59 6.35
C GLU A 270 -7.16 -16.74 5.38
N LEU A 271 -7.95 -17.36 4.52
CA LEU A 271 -8.75 -16.61 3.56
C LEU A 271 -9.77 -15.70 4.24
N MET A 272 -9.83 -14.43 3.87
CA MET A 272 -10.74 -13.51 4.55
C MET A 272 -11.97 -13.04 3.82
N ASN A 273 -11.98 -13.21 2.50
CA ASN A 273 -13.08 -12.77 1.67
C ASN A 273 -13.63 -13.83 0.73
O1 PG4 B . 10.73 -9.64 0.58
C1 PG4 B . 10.66 -8.76 1.70
C2 PG4 B . 9.92 -7.47 1.29
O2 PG4 B . 9.92 -6.56 2.40
C3 PG4 B . 11.20 -5.91 2.51
C4 PG4 B . 11.45 -5.52 3.96
O3 PG4 B . 12.69 -4.80 4.05
C5 PG4 B . 13.13 -4.74 5.42
C6 PG4 B . 13.76 -6.05 5.84
O4 PG4 B . 14.22 -5.97 7.19
O1 PG4 C . 6.96 -11.25 1.49
C1 PG4 C . 7.75 -10.48 2.42
C2 PG4 C . 7.39 -10.89 3.84
O2 PG4 C . 8.25 -10.24 4.79
C3 PG4 C . 8.02 -10.77 6.10
C4 PG4 C . 8.78 -12.07 6.34
O3 PG4 C . 8.36 -12.66 7.57
C5 PG4 C . 8.96 -13.96 7.72
C6 PG4 C . 8.00 -14.89 8.46
O4 PG4 C . 6.78 -15.10 7.72
C7 PG4 C . 6.95 -16.08 6.69
C8 PG4 C . 5.76 -16.08 5.74
O5 PG4 C . 4.56 -16.42 6.44
O1 PG4 D . 1.56 23.00 6.98
C1 PG4 D . 2.82 23.33 7.55
C2 PG4 D . 3.40 22.12 8.30
O2 PG4 D . 4.74 22.42 8.75
C3 PG4 D . 5.36 21.26 9.32
C4 PG4 D . 5.77 20.26 8.25
O3 PG4 D . 6.76 20.84 7.40
C5 PG4 D . 6.87 20.12 6.16
C6 PG4 D . 7.63 18.81 6.32
O4 PG4 D . 7.16 18.26 4.85
O1 PG4 E . 0.99 -1.89 -6.09
C1 PG4 E . 0.69 -0.93 -5.09
C2 PG4 E . 1.47 0.36 -5.39
O2 PG4 E . 1.11 1.41 -4.46
C3 PG4 E . 1.81 2.63 -4.76
C4 PG4 E . 1.22 3.36 -5.95
O3 PG4 E . -0.11 3.82 -5.66
#